data_7HHB
#
_entry.id   7HHB
#
_cell.length_a   41.660
_cell.length_b   42.070
_cell.length_c   158.390
_cell.angle_alpha   90.00
_cell.angle_beta   90.00
_cell.angle_gamma   90.00
#
_symmetry.space_group_name_H-M   'P 21 21 21'
#
loop_
_entity.id
_entity.type
_entity.pdbx_description
1 polymer 'Hepatoma-derived growth factor-related protein 2'
2 non-polymer 'SULFATE ION'
3 non-polymer 1,2-ETHANEDIOL
4 non-polymer N-[(1S)-1-(pyridin-3-yl)ethyl]cyclopropanamine
5 water water
#
_entity_poly.entity_id   1
_entity_poly.type   'polypeptide(L)'
_entity_poly.pdbx_seq_one_letter_code
;GMPHAFKPGDLVFAKMKGYPHWPARIDDIADGAVKPPPNKYPIFFFGTHETAFLGPKDLFPYDKSKDKYGKPNKRKGFNE
GLWEIQNNPHASYS
;
_entity_poly.pdbx_strand_id   A,B,C
#
loop_
_chem_comp.id
_chem_comp.type
_chem_comp.name
_chem_comp.formula
A1A3U non-polymer N-[(1S)-1-(pyridin-3-yl)ethyl]cyclopropanamine 'C10 H14 N2'
EDO non-polymer 1,2-ETHANEDIOL 'C2 H6 O2'
SO4 non-polymer 'SULFATE ION' 'O4 S -2'
#
# COMPACT_ATOMS: atom_id res chain seq x y z
N MET A 2 8.09 -8.71 -25.79
CA MET A 2 7.35 -9.92 -25.37
C MET A 2 7.33 -10.01 -23.84
N PRO A 3 6.24 -10.54 -23.23
CA PRO A 3 6.08 -10.65 -21.77
C PRO A 3 7.19 -11.30 -20.93
N HIS A 4 7.42 -10.77 -19.74
CA HIS A 4 8.27 -11.41 -18.76
C HIS A 4 7.33 -12.16 -17.81
N ALA A 5 7.93 -12.85 -16.82
CA ALA A 5 7.19 -13.34 -15.66
C ALA A 5 6.72 -12.14 -14.83
N PHE A 6 5.71 -12.36 -13.97
CA PHE A 6 5.23 -11.31 -13.08
C PHE A 6 6.34 -10.95 -12.08
N LYS A 7 6.47 -9.67 -11.72
CA LYS A 7 7.44 -9.27 -10.71
C LYS A 7 6.80 -8.28 -9.74
N PRO A 8 7.32 -8.15 -8.49
CA PRO A 8 6.77 -7.16 -7.56
C PRO A 8 6.73 -5.79 -8.22
N GLY A 9 5.62 -5.07 -8.00
CA GLY A 9 5.42 -3.75 -8.56
C GLY A 9 4.52 -3.79 -9.80
N ASP A 10 4.39 -4.97 -10.45
CA ASP A 10 3.47 -5.08 -11.56
C ASP A 10 2.02 -4.77 -11.17
N LEU A 11 1.29 -4.03 -12.03
CA LEU A 11 -0.08 -3.63 -11.72
C LEU A 11 -1.02 -4.51 -12.55
N VAL A 12 -2.11 -4.95 -11.93
CA VAL A 12 -2.97 -5.96 -12.53
C VAL A 12 -4.42 -5.66 -12.21
N PHE A 13 -5.33 -6.34 -12.93
CA PHE A 13 -6.62 -6.64 -12.33
C PHE A 13 -6.56 -8.09 -11.85
N ALA A 14 -6.95 -8.33 -10.59
CA ALA A 14 -6.88 -9.69 -10.04
C ALA A 14 -8.29 -10.26 -9.85
N LYS A 15 -8.46 -11.53 -10.23
CA LYS A 15 -9.78 -12.15 -10.23
C LYS A 15 -9.87 -13.12 -9.07
N MET A 16 -10.84 -12.87 -8.19
CA MET A 16 -11.23 -13.90 -7.23
C MET A 16 -12.71 -14.26 -7.37
N LYS A 17 -12.99 -15.52 -7.07
CA LYS A 17 -14.32 -16.12 -7.06
C LYS A 17 -15.29 -15.16 -6.39
N GLY A 18 -16.34 -14.80 -7.12
CA GLY A 18 -17.41 -14.02 -6.53
C GLY A 18 -17.12 -12.51 -6.48
N TYR A 19 -15.98 -12.04 -7.01
CA TYR A 19 -15.80 -10.61 -7.14
C TYR A 19 -15.45 -10.22 -8.58
N PRO A 20 -15.71 -8.96 -9.00
CA PRO A 20 -15.25 -8.48 -10.31
C PRO A 20 -13.72 -8.44 -10.34
N HIS A 21 -13.15 -8.46 -11.54
CA HIS A 21 -11.72 -8.24 -11.73
C HIS A 21 -11.36 -6.96 -10.97
N TRP A 22 -10.34 -7.02 -10.10
CA TRP A 22 -10.15 -5.99 -9.08
C TRP A 22 -8.77 -5.34 -9.20
N PRO A 23 -8.66 -3.99 -9.15
CA PRO A 23 -7.35 -3.31 -9.23
C PRO A 23 -6.45 -3.80 -8.10
N ALA A 24 -5.20 -4.17 -8.46
CA ALA A 24 -4.29 -4.82 -7.54
C ALA A 24 -2.83 -4.67 -8.01
N ARG A 25 -1.90 -5.07 -7.13
CA ARG A 25 -0.52 -5.06 -7.56
C ARG A 25 0.12 -6.35 -7.03
N ILE A 26 1.20 -6.77 -7.68
CA ILE A 26 2.07 -7.79 -7.10
C ILE A 26 2.93 -7.14 -6.00
N ASP A 27 2.89 -7.67 -4.78
CA ASP A 27 3.65 -7.10 -3.67
C ASP A 27 5.01 -7.79 -3.55
N ASP A 28 5.94 -7.09 -2.87
CA ASP A 28 7.16 -7.72 -2.40
C ASP A 28 6.78 -8.49 -1.14
N ILE A 29 7.58 -9.48 -0.77
CA ILE A 29 7.49 -10.03 0.57
C ILE A 29 8.55 -9.34 1.43
N ALA A 30 8.13 -8.77 2.57
CA ALA A 30 9.06 -8.06 3.43
C ALA A 30 9.98 -9.09 4.12
N ASP A 31 11.22 -8.67 4.43
CA ASP A 31 12.09 -9.49 5.27
C ASP A 31 11.32 -9.83 6.53
N GLY A 32 11.34 -11.13 6.91
CA GLY A 32 10.69 -11.55 8.15
C GLY A 32 9.22 -11.94 7.99
N ALA A 33 8.62 -11.66 6.82
CA ALA A 33 7.19 -11.89 6.65
C ALA A 33 6.87 -13.25 6.02
N VAL A 34 5.62 -13.67 6.17
CA VAL A 34 5.16 -14.95 5.63
C VAL A 34 5.25 -14.95 4.11
N LYS A 35 5.90 -15.97 3.55
CA LYS A 35 6.02 -16.19 2.11
C LYS A 35 4.77 -16.86 1.57
N PRO A 36 4.43 -16.69 0.27
CA PRO A 36 3.21 -17.28 -0.29
C PRO A 36 3.51 -18.76 -0.53
N PRO A 37 2.50 -19.60 -0.87
CA PRO A 37 2.77 -20.96 -1.34
C PRO A 37 3.53 -20.91 -2.67
N PRO A 38 4.23 -22.00 -3.03
CA PRO A 38 4.86 -22.11 -4.35
C PRO A 38 3.86 -21.81 -5.48
N ASN A 39 4.38 -21.19 -6.53
CA ASN A 39 3.64 -20.85 -7.73
C ASN A 39 2.58 -19.78 -7.46
N LYS A 40 2.55 -19.20 -6.26
CA LYS A 40 1.59 -18.13 -5.96
C LYS A 40 2.33 -16.81 -5.73
N TYR A 41 1.67 -15.69 -6.07
CA TYR A 41 2.20 -14.36 -5.80
C TYR A 41 1.39 -13.69 -4.71
N PRO A 42 1.98 -12.79 -3.90
CA PRO A 42 1.20 -12.05 -2.90
C PRO A 42 0.52 -10.92 -3.66
N ILE A 43 -0.81 -10.86 -3.59
CA ILE A 43 -1.51 -9.81 -4.32
C ILE A 43 -2.07 -8.79 -3.34
N PHE A 44 -1.75 -7.50 -3.55
CA PHE A 44 -2.35 -6.47 -2.72
C PHE A 44 -3.48 -5.79 -3.49
N PHE A 45 -4.71 -5.85 -2.96
CA PHE A 45 -5.90 -5.34 -3.63
C PHE A 45 -6.05 -3.88 -3.22
N PHE A 46 -6.01 -2.97 -4.19
CA PHE A 46 -6.29 -1.56 -3.93
C PHE A 46 -7.73 -1.38 -3.42
N GLY A 47 -7.93 -0.34 -2.60
CA GLY A 47 -9.27 -0.03 -2.12
C GLY A 47 -9.60 -0.78 -0.83
N THR A 48 -9.64 -2.11 -0.89
CA THR A 48 -9.86 -2.95 0.28
C THR A 48 -8.58 -3.04 1.12
N HIS A 49 -7.42 -2.97 0.45
CA HIS A 49 -6.11 -3.11 1.07
C HIS A 49 -5.91 -4.51 1.64
N GLU A 50 -6.60 -5.52 1.11
CA GLU A 50 -6.41 -6.92 1.51
C GLU A 50 -5.31 -7.57 0.65
N THR A 51 -4.70 -8.66 1.17
CA THR A 51 -3.75 -9.50 0.45
C THR A 51 -4.33 -10.89 0.28
N ALA A 52 -4.22 -11.44 -0.94
CA ALA A 52 -4.43 -12.88 -1.13
C ALA A 52 -3.30 -13.42 -2.00
N PHE A 53 -3.17 -14.74 -2.07
CA PHE A 53 -2.15 -15.36 -2.89
C PHE A 53 -2.80 -15.93 -4.13
N LEU A 54 -2.35 -15.47 -5.31
CA LEU A 54 -2.96 -15.92 -6.57
C LEU A 54 -1.89 -16.37 -7.55
N GLY A 55 -2.27 -17.27 -8.48
CA GLY A 55 -1.38 -17.69 -9.57
C GLY A 55 -1.71 -16.88 -10.82
N PRO A 56 -0.84 -16.90 -11.85
CA PRO A 56 -1.04 -16.10 -13.06
C PRO A 56 -2.38 -16.20 -13.78
N LYS A 57 -3.07 -17.33 -13.67
CA LYS A 57 -4.36 -17.48 -14.35
C LYS A 57 -5.39 -16.45 -13.87
N ASP A 58 -5.18 -15.86 -12.69
CA ASP A 58 -6.12 -14.91 -12.13
C ASP A 58 -5.61 -13.46 -12.22
N LEU A 59 -4.50 -13.22 -12.94
CA LEU A 59 -3.80 -11.93 -12.96
C LEU A 59 -3.84 -11.38 -14.39
N PHE A 60 -4.52 -10.25 -14.58
CA PHE A 60 -4.59 -9.60 -15.89
C PHE A 60 -3.79 -8.29 -15.89
N PRO A 61 -2.73 -8.14 -16.70
CA PRO A 61 -1.98 -6.88 -16.75
C PRO A 61 -2.83 -5.62 -16.93
N TYR A 62 -2.57 -4.60 -16.09
CA TYR A 62 -3.44 -3.44 -15.94
C TYR A 62 -3.62 -2.69 -17.26
N ASP A 63 -2.50 -2.44 -17.95
CA ASP A 63 -2.49 -1.59 -19.14
C ASP A 63 -3.38 -2.20 -20.22
N LYS A 64 -3.21 -3.50 -20.47
CA LYS A 64 -4.00 -4.22 -21.47
C LYS A 64 -5.48 -4.26 -21.09
N SER A 65 -5.81 -4.28 -19.78
CA SER A 65 -7.14 -4.66 -19.31
C SER A 65 -8.00 -3.50 -18.80
N LYS A 66 -7.43 -2.29 -18.67
CA LYS A 66 -8.18 -1.24 -17.97
C LYS A 66 -9.45 -0.82 -18.71
N ASP A 67 -9.43 -0.88 -20.05
N ASP A 67 -9.43 -0.85 -20.05
CA ASP A 67 -10.59 -0.46 -20.82
CA ASP A 67 -10.62 -0.46 -20.80
C ASP A 67 -11.77 -1.41 -20.61
C ASP A 67 -11.78 -1.39 -20.44
N LYS A 68 -11.49 -2.69 -20.34
CA LYS A 68 -12.55 -3.63 -20.00
C LYS A 68 -12.96 -3.50 -18.53
N TYR A 69 -11.98 -3.42 -17.61
CA TYR A 69 -12.26 -3.72 -16.23
C TYR A 69 -12.23 -2.47 -15.35
N GLY A 70 -11.71 -1.36 -15.88
CA GLY A 70 -11.46 -0.19 -15.03
C GLY A 70 -12.65 0.77 -15.02
N LYS A 71 -13.85 0.26 -14.78
CA LYS A 71 -15.02 1.13 -14.77
C LYS A 71 -15.58 1.09 -13.36
N PRO A 72 -16.25 2.17 -12.87
CA PRO A 72 -16.83 2.14 -11.53
C PRO A 72 -17.68 0.92 -11.27
N ASN A 73 -17.69 0.50 -10.01
CA ASN A 73 -18.37 -0.70 -9.56
C ASN A 73 -18.97 -0.37 -8.19
N LYS A 74 -20.08 -1.03 -7.87
CA LYS A 74 -20.82 -0.76 -6.65
C LYS A 74 -20.09 -1.37 -5.46
N ARG A 75 -19.19 -2.34 -5.70
CA ARG A 75 -18.60 -3.11 -4.62
C ARG A 75 -17.76 -2.22 -3.69
N LYS A 76 -17.73 -2.58 -2.41
CA LYS A 76 -17.05 -1.81 -1.38
C LYS A 76 -15.57 -1.73 -1.66
N GLY A 77 -15.06 -0.48 -1.75
CA GLY A 77 -13.62 -0.29 -1.89
C GLY A 77 -13.19 -0.27 -3.35
N PHE A 78 -14.08 -0.63 -4.28
CA PHE A 78 -13.68 -0.75 -5.68
C PHE A 78 -13.26 0.59 -6.27
N ASN A 79 -14.05 1.63 -6.02
CA ASN A 79 -13.81 2.90 -6.68
C ASN A 79 -12.57 3.58 -6.08
N GLU A 80 -12.39 3.37 -4.78
CA GLU A 80 -11.17 3.82 -4.10
C GLU A 80 -9.98 3.13 -4.75
N GLY A 81 -10.18 1.82 -5.02
CA GLY A 81 -9.17 0.97 -5.66
C GLY A 81 -8.76 1.49 -7.03
N LEU A 82 -9.73 2.00 -7.79
CA LEU A 82 -9.42 2.54 -9.10
C LEU A 82 -8.57 3.80 -8.95
N TRP A 83 -8.89 4.64 -7.93
CA TRP A 83 -8.13 5.87 -7.75
C TRP A 83 -6.68 5.51 -7.43
N GLU A 84 -6.49 4.50 -6.56
CA GLU A 84 -5.15 4.19 -6.13
C GLU A 84 -4.30 3.67 -7.29
N ILE A 85 -4.82 2.74 -8.10
CA ILE A 85 -4.00 2.09 -9.12
C ILE A 85 -3.60 3.13 -10.18
N GLN A 86 -4.47 4.13 -10.38
CA GLN A 86 -4.22 5.18 -11.38
C GLN A 86 -3.31 6.29 -10.85
N ASN A 87 -3.41 6.63 -9.55
CA ASN A 87 -2.87 7.87 -9.02
C ASN A 87 -1.66 7.62 -8.09
N ASN A 88 -1.62 6.49 -7.35
CA ASN A 88 -0.44 6.25 -6.50
C ASN A 88 -0.27 4.75 -6.27
N PRO A 89 0.00 3.97 -7.35
CA PRO A 89 -0.07 2.53 -7.25
C PRO A 89 1.07 1.91 -6.44
N HIS A 90 2.14 2.68 -6.18
CA HIS A 90 3.34 2.15 -5.55
C HIS A 90 3.52 2.71 -4.14
N ALA A 91 2.49 3.36 -3.58
CA ALA A 91 2.58 3.95 -2.24
C ALA A 91 2.45 2.87 -1.17
N SER A 92 2.85 3.24 0.05
CA SER A 92 2.56 2.45 1.23
C SER A 92 1.09 2.67 1.63
N TYR A 93 0.34 1.57 1.75
CA TYR A 93 -1.05 1.64 2.20
C TYR A 93 -1.23 0.88 3.52
N SER A 94 -0.12 0.66 4.24
CA SER A 94 -0.19 0.17 5.61
C SER A 94 -0.99 1.18 6.46
N MET B 2 34.83 -2.91 28.30
CA MET B 2 34.54 -3.72 29.52
C MET B 2 33.75 -4.97 29.09
N PRO B 3 34.15 -6.18 29.54
CA PRO B 3 33.40 -7.40 29.21
C PRO B 3 31.96 -7.27 29.72
N HIS B 4 31.02 -7.88 28.98
CA HIS B 4 29.62 -7.94 29.38
C HIS B 4 29.13 -9.38 29.33
N ALA B 5 27.89 -9.61 29.80
CA ALA B 5 27.35 -10.97 29.83
C ALA B 5 27.39 -11.56 28.43
N PHE B 6 26.96 -10.75 27.45
CA PHE B 6 27.11 -11.14 26.04
C PHE B 6 28.28 -10.38 25.42
N LYS B 7 29.11 -11.07 24.64
CA LYS B 7 30.26 -10.45 23.99
C LYS B 7 30.15 -10.58 22.47
N PRO B 8 30.84 -9.69 21.71
CA PRO B 8 30.82 -9.73 20.24
C PRO B 8 31.13 -11.12 19.72
N GLY B 9 30.29 -11.61 18.79
CA GLY B 9 30.49 -12.93 18.23
C GLY B 9 29.61 -13.98 18.89
N ASP B 10 28.98 -13.65 20.03
CA ASP B 10 28.05 -14.58 20.69
C ASP B 10 26.85 -14.85 19.76
N LEU B 11 26.44 -16.11 19.68
CA LEU B 11 25.34 -16.48 18.81
C LEU B 11 24.08 -16.64 19.64
N VAL B 12 22.96 -16.16 19.10
CA VAL B 12 21.72 -16.11 19.87
C VAL B 12 20.54 -16.37 18.93
N PHE B 13 19.36 -16.57 19.56
CA PHE B 13 18.11 -16.22 18.93
C PHE B 13 17.66 -14.92 19.55
N ALA B 14 17.23 -13.96 18.68
CA ALA B 14 16.78 -12.66 19.11
C ALA B 14 15.28 -12.54 18.80
N LYS B 15 14.51 -12.03 19.78
CA LYS B 15 13.06 -12.01 19.69
C LYS B 15 12.59 -10.57 19.47
N MET B 16 11.74 -10.37 18.46
CA MET B 16 11.10 -9.08 18.22
C MET B 16 9.59 -9.34 18.12
N LYS B 17 8.82 -8.35 18.55
CA LYS B 17 7.37 -8.41 18.42
C LYS B 17 7.00 -8.70 16.96
N GLY B 18 6.14 -9.70 16.76
CA GLY B 18 5.64 -10.02 15.43
C GLY B 18 6.51 -11.02 14.66
N TYR B 19 7.60 -11.54 15.28
CA TYR B 19 8.49 -12.44 14.58
C TYR B 19 8.87 -13.61 15.50
N PRO B 20 9.15 -14.81 14.94
CA PRO B 20 9.65 -15.92 15.76
C PRO B 20 11.07 -15.61 16.25
N HIS B 21 11.49 -16.25 17.36
CA HIS B 21 12.88 -16.12 17.82
C HIS B 21 13.83 -16.33 16.64
N TRP B 22 14.76 -15.39 16.42
CA TRP B 22 15.39 -15.30 15.09
C TRP B 22 16.90 -15.56 15.19
N PRO B 23 17.52 -16.47 14.38
CA PRO B 23 18.97 -16.72 14.49
C PRO B 23 19.72 -15.40 14.33
N ALA B 24 20.61 -15.07 15.27
CA ALA B 24 21.27 -13.77 15.24
C ALA B 24 22.64 -13.83 15.94
N ARG B 25 23.37 -12.69 15.92
CA ARG B 25 24.66 -12.61 16.62
C ARG B 25 24.80 -11.24 17.26
N ILE B 26 25.61 -11.19 18.33
CA ILE B 26 26.03 -9.96 18.95
C ILE B 26 27.15 -9.41 18.08
N ASP B 27 26.95 -8.20 17.58
CA ASP B 27 27.96 -7.51 16.79
C ASP B 27 28.83 -6.63 17.71
N ASP B 28 30.03 -6.25 17.22
CA ASP B 28 30.90 -5.28 17.89
C ASP B 28 30.35 -3.87 17.66
N ILE B 29 30.74 -2.92 18.51
CA ILE B 29 30.22 -1.56 18.51
C ILE B 29 31.34 -0.59 18.14
N VAL B 34 26.65 5.95 16.49
CA VAL B 34 25.44 5.62 17.29
C VAL B 34 25.78 4.41 18.15
N LYS B 35 26.02 4.64 19.45
CA LYS B 35 26.24 3.56 20.41
C LYS B 35 24.89 2.98 20.85
N PRO B 36 24.80 1.68 21.24
CA PRO B 36 23.52 1.09 21.64
C PRO B 36 22.99 1.86 22.84
N PRO B 37 21.65 2.00 23.00
CA PRO B 37 21.10 2.58 24.22
C PRO B 37 21.63 1.80 25.43
N PRO B 38 21.52 2.33 26.67
CA PRO B 38 21.97 1.57 27.85
C PRO B 38 21.26 0.22 27.99
N ASN B 39 22.05 -0.81 28.37
CA ASN B 39 21.61 -2.18 28.63
C ASN B 39 21.34 -2.97 27.35
N LYS B 40 21.58 -2.39 26.18
CA LYS B 40 21.19 -3.04 24.92
C LYS B 40 22.42 -3.40 24.11
N TYR B 41 22.26 -4.33 23.17
CA TYR B 41 23.40 -4.76 22.36
C TYR B 41 23.09 -4.53 20.89
N PRO B 42 24.13 -4.34 20.03
CA PRO B 42 23.93 -4.39 18.57
C PRO B 42 23.70 -5.84 18.13
N ILE B 43 22.52 -6.09 17.54
CA ILE B 43 22.17 -7.41 17.02
C ILE B 43 22.22 -7.44 15.49
N PHE B 44 22.76 -8.51 14.92
CA PHE B 44 22.76 -8.80 13.49
C PHE B 44 21.89 -10.03 13.27
N PHE B 45 20.79 -9.87 12.51
CA PHE B 45 19.91 -10.97 12.20
C PHE B 45 20.42 -11.70 10.96
N PHE B 46 20.71 -13.00 11.09
CA PHE B 46 21.08 -13.77 9.91
C PHE B 46 19.90 -13.86 8.95
N GLY B 47 20.19 -14.06 7.65
CA GLY B 47 19.14 -14.28 6.68
C GLY B 47 18.63 -12.95 6.14
N THR B 48 18.02 -12.14 7.00
CA THR B 48 17.57 -10.82 6.62
C THR B 48 18.74 -9.85 6.52
N HIS B 49 19.76 -10.07 7.35
CA HIS B 49 20.93 -9.21 7.44
C HIS B 49 20.59 -7.82 7.97
N GLU B 50 19.53 -7.70 8.77
CA GLU B 50 19.21 -6.43 9.42
C GLU B 50 19.88 -6.36 10.78
N THR B 51 19.88 -5.15 11.35
CA THR B 51 20.44 -4.86 12.66
C THR B 51 19.37 -4.17 13.49
N ALA B 52 19.42 -4.39 14.79
CA ALA B 52 18.62 -3.64 15.74
C ALA B 52 19.33 -3.67 17.08
N PHE B 53 18.83 -2.88 18.04
CA PHE B 53 19.35 -2.92 19.39
C PHE B 53 18.35 -3.68 20.26
N LEU B 54 18.81 -4.67 21.03
CA LEU B 54 17.90 -5.40 21.90
C LEU B 54 18.57 -5.58 23.27
N GLY B 55 17.75 -5.77 24.31
CA GLY B 55 18.22 -6.08 25.65
C GLY B 55 18.18 -7.57 25.92
N PRO B 56 18.83 -8.02 27.02
CA PRO B 56 18.95 -9.44 27.33
C PRO B 56 17.66 -10.25 27.45
N LYS B 57 16.53 -9.60 27.79
CA LYS B 57 15.27 -10.32 27.96
C LYS B 57 14.86 -10.95 26.63
N ASP B 58 15.39 -10.38 25.53
CA ASP B 58 15.03 -10.80 24.18
C ASP B 58 16.15 -11.58 23.49
N LEU B 59 17.18 -12.00 24.25
CA LEU B 59 18.34 -12.67 23.68
C LEU B 59 18.51 -14.03 24.34
N PHE B 60 18.51 -15.06 23.52
CA PHE B 60 18.52 -16.43 23.98
C PHE B 60 19.80 -17.10 23.46
N PRO B 61 20.77 -17.48 24.32
CA PRO B 61 21.97 -18.19 23.87
C PRO B 61 21.66 -19.36 22.94
N TYR B 62 22.38 -19.41 21.79
CA TYR B 62 22.01 -20.25 20.66
C TYR B 62 22.11 -21.74 21.00
N ASP B 63 23.19 -22.12 21.68
CA ASP B 63 23.46 -23.49 22.09
C ASP B 63 22.33 -24.06 22.95
N LYS B 64 21.91 -23.30 23.97
CA LYS B 64 20.86 -23.75 24.87
C LYS B 64 19.51 -23.92 24.16
N SER B 65 19.23 -23.05 23.18
CA SER B 65 17.86 -22.85 22.74
C SER B 65 17.62 -23.33 21.31
N LYS B 66 18.65 -23.88 20.67
CA LYS B 66 18.55 -24.18 19.24
C LYS B 66 17.54 -25.28 18.95
N ASP B 67 17.31 -26.21 19.87
CA ASP B 67 16.39 -27.25 19.46
C ASP B 67 14.95 -26.79 19.62
N LYS B 68 14.73 -25.78 20.47
CA LYS B 68 13.43 -25.17 20.62
C LYS B 68 13.14 -24.17 19.51
N TYR B 69 14.12 -23.31 19.17
CA TYR B 69 13.85 -22.18 18.28
C TYR B 69 14.39 -22.41 16.87
N GLY B 70 15.22 -23.45 16.69
CA GLY B 70 15.97 -23.58 15.46
C GLY B 70 15.26 -24.39 14.38
N LYS B 71 13.93 -24.31 14.29
CA LYS B 71 13.18 -25.10 13.33
C LYS B 71 12.83 -24.22 12.14
N PRO B 72 12.90 -24.75 10.89
CA PRO B 72 12.54 -23.96 9.71
C PRO B 72 11.08 -23.52 9.75
N ASN B 73 10.79 -22.34 9.17
CA ASN B 73 9.42 -21.85 9.04
C ASN B 73 9.27 -21.13 7.70
N LYS B 74 8.15 -20.43 7.52
CA LYS B 74 7.84 -19.80 6.22
C LYS B 74 8.09 -18.27 6.25
N ARG B 75 8.82 -17.78 7.26
CA ARG B 75 9.17 -16.37 7.27
C ARG B 75 10.35 -16.15 6.33
N LYS B 76 10.27 -15.07 5.54
CA LYS B 76 11.30 -14.77 4.54
C LYS B 76 12.63 -14.47 5.23
N GLY B 77 13.65 -15.23 4.86
CA GLY B 77 15.00 -15.06 5.36
C GLY B 77 15.33 -16.01 6.52
N PHE B 78 14.32 -16.72 7.06
CA PHE B 78 14.56 -17.49 8.28
C PHE B 78 15.43 -18.70 7.98
N ASN B 79 15.09 -19.45 6.93
CA ASN B 79 15.85 -20.67 6.69
C ASN B 79 17.26 -20.32 6.22
N GLU B 80 17.40 -19.22 5.51
CA GLU B 80 18.74 -18.74 5.15
C GLU B 80 19.50 -18.36 6.42
N GLY B 81 18.79 -17.74 7.38
CA GLY B 81 19.38 -17.35 8.66
C GLY B 81 19.89 -18.57 9.42
N LEU B 82 19.12 -19.66 9.33
CA LEU B 82 19.49 -20.91 9.98
C LEU B 82 20.76 -21.46 9.34
N TRP B 83 20.84 -21.41 8.00
CA TRP B 83 22.05 -21.83 7.30
C TRP B 83 23.25 -21.00 7.75
N GLU B 84 23.08 -19.68 7.89
CA GLU B 84 24.19 -18.77 8.18
C GLU B 84 24.75 -19.02 9.59
N ILE B 85 23.85 -19.19 10.58
CA ILE B 85 24.29 -19.26 11.96
C ILE B 85 25.04 -20.57 12.17
N GLN B 86 24.67 -21.59 11.38
CA GLN B 86 25.26 -22.91 11.45
C GLN B 86 26.56 -23.01 10.65
N ASN B 87 26.65 -22.33 9.49
CA ASN B 87 27.75 -22.61 8.56
C ASN B 87 28.80 -21.49 8.53
N ASN B 88 28.40 -20.25 8.79
CA ASN B 88 29.38 -19.17 8.70
C ASN B 88 28.95 -17.99 9.56
N PRO B 89 28.78 -18.20 10.88
CA PRO B 89 28.20 -17.17 11.75
C PRO B 89 29.02 -15.90 11.90
N HIS B 90 30.32 -15.96 11.57
CA HIS B 90 31.20 -14.84 11.86
C HIS B 90 31.62 -14.11 10.57
N ALA B 91 30.91 -14.39 9.48
CA ALA B 91 31.27 -13.84 8.17
C ALA B 91 30.85 -12.38 8.07
N SER B 92 31.47 -11.65 7.13
CA SER B 92 30.97 -10.35 6.72
C SER B 92 29.80 -10.53 5.75
N TYR B 93 28.65 -9.87 6.06
CA TYR B 93 27.40 -9.98 5.31
C TYR B 93 27.04 -8.62 4.69
N SER B 94 27.91 -7.62 4.91
CA SER B 94 27.77 -6.25 4.43
C SER B 94 27.17 -6.23 3.01
N HIS C 4 -10.00 34.70 -9.44
CA HIS C 4 -10.00 33.75 -10.59
C HIS C 4 -11.19 34.08 -11.50
N ALA C 5 -11.57 33.13 -12.36
CA ALA C 5 -12.56 33.27 -13.41
C ALA C 5 -13.04 31.90 -13.88
N PHE C 6 -14.32 31.60 -13.64
CA PHE C 6 -14.85 30.30 -13.97
C PHE C 6 -15.81 30.47 -15.15
N LYS C 7 -15.77 29.49 -16.06
CA LYS C 7 -16.61 29.47 -17.25
C LYS C 7 -17.29 28.11 -17.30
N PRO C 8 -18.41 27.92 -18.05
CA PRO C 8 -19.03 26.60 -18.16
C PRO C 8 -18.01 25.57 -18.66
N GLY C 9 -18.13 24.35 -18.10
CA GLY C 9 -17.28 23.22 -18.45
C GLY C 9 -16.06 23.08 -17.56
N ASP C 10 -15.65 24.18 -16.90
CA ASP C 10 -14.51 24.17 -16.01
C ASP C 10 -14.70 23.07 -14.96
N LEU C 11 -13.68 22.22 -14.83
CA LEU C 11 -13.58 21.21 -13.79
C LEU C 11 -13.05 21.84 -12.51
N VAL C 12 -13.67 21.48 -11.37
CA VAL C 12 -13.34 22.12 -10.11
C VAL C 12 -13.50 21.13 -8.96
N PHE C 13 -13.01 21.52 -7.77
CA PHE C 13 -13.53 21.01 -6.52
C PHE C 13 -14.50 22.05 -5.94
N ALA C 14 -15.65 21.56 -5.49
CA ALA C 14 -16.68 22.47 -5.00
C ALA C 14 -16.92 22.17 -3.53
N LYS C 15 -16.95 23.23 -2.72
CA LYS C 15 -16.99 23.03 -1.28
C LYS C 15 -18.32 23.57 -0.77
N MET C 16 -19.07 22.69 -0.09
CA MET C 16 -20.30 23.08 0.58
C MET C 16 -20.13 22.76 2.05
N LYS C 17 -20.84 23.53 2.90
CA LYS C 17 -20.82 23.30 4.34
C LYS C 17 -21.27 21.85 4.61
N GLY C 18 -20.49 21.13 5.41
CA GLY C 18 -20.89 19.79 5.82
C GLY C 18 -20.38 18.67 4.89
N TYR C 19 -19.57 19.04 3.88
CA TYR C 19 -19.07 18.09 2.88
C TYR C 19 -17.64 18.45 2.56
N PRO C 20 -16.80 17.44 2.22
CA PRO C 20 -15.43 17.70 1.78
C PRO C 20 -15.47 18.37 0.41
N HIS C 21 -14.33 18.94 0.02
CA HIS C 21 -14.16 19.48 -1.33
C HIS C 21 -14.45 18.37 -2.34
N TRP C 22 -15.41 18.65 -3.24
CA TRP C 22 -16.05 17.58 -4.01
C TRP C 22 -15.74 17.79 -5.51
N PRO C 23 -15.34 16.73 -6.26
CA PRO C 23 -15.14 16.88 -7.70
C PRO C 23 -16.45 17.22 -8.40
N ALA C 24 -16.38 18.21 -9.30
CA ALA C 24 -17.56 18.84 -9.87
C ALA C 24 -17.15 19.59 -11.13
N ARG C 25 -18.14 20.14 -11.84
CA ARG C 25 -17.91 21.02 -12.96
C ARG C 25 -18.95 22.14 -12.98
N ILE C 26 -18.59 23.22 -13.65
CA ILE C 26 -19.49 24.34 -13.90
C ILE C 26 -20.43 23.90 -15.02
N ASP C 27 -21.74 23.98 -14.74
CA ASP C 27 -22.76 23.76 -15.76
C ASP C 27 -23.01 25.05 -16.53
N ASP C 28 -23.91 24.99 -17.51
CA ASP C 28 -24.47 26.20 -18.10
C ASP C 28 -25.94 26.25 -17.67
N ILE C 29 -26.49 27.47 -17.57
CA ILE C 29 -27.87 27.70 -17.17
C ILE C 29 -28.72 27.80 -18.43
N ALA C 30 -29.85 27.08 -18.44
CA ALA C 30 -30.71 27.01 -19.62
C ALA C 30 -31.33 28.38 -19.93
N LYS C 35 -32.83 31.26 -12.84
CA LYS C 35 -31.60 32.09 -12.80
C LYS C 35 -30.89 31.83 -11.47
N PRO C 36 -29.55 31.69 -11.46
CA PRO C 36 -28.81 31.52 -10.19
C PRO C 36 -29.09 32.70 -9.23
N PRO C 37 -28.97 32.51 -7.90
CA PRO C 37 -28.88 33.67 -7.00
C PRO C 37 -27.73 34.56 -7.48
N PRO C 38 -27.72 35.87 -7.16
CA PRO C 38 -26.66 36.77 -7.62
C PRO C 38 -25.28 36.21 -7.30
N ASN C 39 -24.45 36.14 -8.35
CA ASN C 39 -23.03 35.83 -8.31
C ASN C 39 -22.77 34.34 -8.01
N LYS C 40 -23.75 33.47 -8.31
CA LYS C 40 -23.56 32.05 -8.01
C LYS C 40 -23.49 31.26 -9.32
N TYR C 41 -22.71 30.17 -9.31
CA TYR C 41 -22.58 29.31 -10.49
C TYR C 41 -23.37 28.04 -10.29
N PRO C 42 -23.97 27.47 -11.38
CA PRO C 42 -24.63 26.16 -11.32
C PRO C 42 -23.51 25.13 -11.35
N ILE C 43 -23.49 24.29 -10.31
CA ILE C 43 -22.44 23.30 -10.19
C ILE C 43 -23.10 21.94 -10.38
N PHE C 44 -22.42 21.04 -11.10
CA PHE C 44 -22.79 19.64 -11.10
C PHE C 44 -21.73 18.84 -10.36
N PHE C 45 -22.16 18.06 -9.35
CA PHE C 45 -21.27 17.21 -8.56
C PHE C 45 -21.08 15.84 -9.21
N PHE C 46 -19.82 15.44 -9.45
CA PHE C 46 -19.54 14.09 -9.93
C PHE C 46 -19.82 13.07 -8.83
N GLY C 47 -20.11 11.81 -9.24
CA GLY C 47 -20.43 10.74 -8.32
C GLY C 47 -21.91 10.77 -7.92
N THR C 48 -22.33 11.87 -7.27
CA THR C 48 -23.69 11.97 -6.77
C THR C 48 -24.59 12.47 -7.88
N HIS C 49 -24.00 13.15 -8.87
CA HIS C 49 -24.73 13.75 -9.99
C HIS C 49 -25.83 14.71 -9.50
N GLU C 50 -25.61 15.37 -8.37
CA GLU C 50 -26.52 16.42 -7.92
C GLU C 50 -26.05 17.79 -8.39
N THR C 51 -26.90 18.82 -8.18
CA THR C 51 -26.56 20.17 -8.62
C THR C 51 -26.82 21.13 -7.46
N ALA C 52 -26.10 22.26 -7.46
CA ALA C 52 -26.38 23.34 -6.54
C ALA C 52 -25.88 24.63 -7.16
N PHE C 53 -26.14 25.75 -6.46
CA PHE C 53 -25.57 27.03 -6.81
C PHE C 53 -24.51 27.36 -5.76
N LEU C 54 -23.30 27.71 -6.22
CA LEU C 54 -22.23 28.06 -5.29
C LEU C 54 -21.52 29.32 -5.79
N GLY C 55 -20.93 30.05 -4.85
CA GLY C 55 -20.15 31.23 -5.17
C GLY C 55 -18.71 30.85 -5.46
N PRO C 56 -17.93 31.77 -6.11
CA PRO C 56 -16.60 31.45 -6.59
C PRO C 56 -15.63 31.19 -5.44
N LYS C 57 -15.98 31.70 -4.26
CA LYS C 57 -15.25 31.41 -3.03
C LYS C 57 -15.18 29.90 -2.80
N ASP C 58 -16.20 29.18 -3.27
CA ASP C 58 -16.38 27.80 -2.86
C ASP C 58 -15.82 26.85 -3.92
N LEU C 59 -15.12 27.40 -4.92
CA LEU C 59 -14.73 26.65 -6.11
C LEU C 59 -13.23 26.74 -6.30
N PHE C 60 -12.64 25.61 -6.73
CA PHE C 60 -11.20 25.47 -6.95
C PHE C 60 -10.93 24.79 -8.29
N PRO C 61 -10.12 25.41 -9.21
CA PRO C 61 -9.78 24.76 -10.48
C PRO C 61 -9.12 23.39 -10.21
N TYR C 62 -9.59 22.39 -10.95
CA TYR C 62 -9.28 20.98 -10.75
C TYR C 62 -7.79 20.73 -10.87
N ASP C 63 -7.19 21.21 -11.97
CA ASP C 63 -5.77 20.98 -12.24
C ASP C 63 -4.89 21.64 -11.18
N LYS C 64 -5.27 22.85 -10.75
CA LYS C 64 -4.50 23.60 -9.78
C LYS C 64 -4.59 22.92 -8.42
N SER C 65 -5.73 22.24 -8.13
CA SER C 65 -5.98 21.91 -6.73
C SER C 65 -6.05 20.40 -6.47
N LYS C 66 -5.96 19.57 -7.51
CA LYS C 66 -6.24 18.14 -7.36
C LYS C 66 -5.21 17.45 -6.46
N ASP C 67 -3.99 17.99 -6.36
CA ASP C 67 -2.96 17.42 -5.49
C ASP C 67 -3.44 17.50 -4.04
N LYS C 68 -4.26 18.51 -3.74
CA LYS C 68 -4.74 18.71 -2.38
C LYS C 68 -6.09 17.99 -2.13
N TYR C 69 -7.05 18.11 -3.07
CA TYR C 69 -8.39 17.61 -2.78
C TYR C 69 -8.70 16.30 -3.51
N GLY C 70 -7.86 15.94 -4.49
CA GLY C 70 -8.16 14.75 -5.29
C GLY C 70 -7.57 13.51 -4.62
N LYS C 71 -8.25 13.05 -3.59
CA LYS C 71 -7.77 11.92 -2.80
C LYS C 71 -9.02 11.26 -2.23
N PRO C 72 -9.02 9.92 -2.08
CA PRO C 72 -10.26 9.22 -1.77
C PRO C 72 -10.90 9.67 -0.46
N ASN C 73 -12.19 9.46 -0.33
CA ASN C 73 -12.74 9.46 1.02
C ASN C 73 -13.99 8.62 1.03
N LYS C 74 -14.55 8.41 2.23
CA LYS C 74 -15.53 7.36 2.37
C LYS C 74 -16.94 7.90 2.18
N ARG C 75 -17.08 9.23 1.96
CA ARG C 75 -18.39 9.81 1.77
C ARG C 75 -19.02 9.23 0.50
N LYS C 76 -20.35 9.02 0.57
CA LYS C 76 -21.09 8.35 -0.50
C LYS C 76 -20.92 9.06 -1.84
N GLY C 77 -20.52 8.29 -2.86
CA GLY C 77 -20.46 8.84 -4.21
C GLY C 77 -19.12 9.51 -4.48
N PHE C 78 -18.29 9.67 -3.44
CA PHE C 78 -17.09 10.47 -3.58
C PHE C 78 -16.13 9.83 -4.59
N ASN C 79 -15.76 8.57 -4.34
CA ASN C 79 -14.70 7.94 -5.12
C ASN C 79 -15.17 7.74 -6.56
N GLU C 80 -16.44 7.45 -6.77
CA GLU C 80 -16.91 7.40 -8.14
C GLU C 80 -16.78 8.78 -8.78
N GLY C 81 -17.07 9.84 -7.98
CA GLY C 81 -16.88 11.20 -8.47
C GLY C 81 -15.46 11.43 -8.96
N LEU C 82 -14.46 10.95 -8.21
CA LEU C 82 -13.07 11.12 -8.59
C LEU C 82 -12.80 10.39 -9.91
N TRP C 83 -13.38 9.20 -10.09
CA TRP C 83 -13.18 8.46 -11.32
C TRP C 83 -13.70 9.24 -12.54
N GLU C 84 -14.89 9.83 -12.38
CA GLU C 84 -15.54 10.60 -13.44
C GLU C 84 -14.75 11.85 -13.82
N ILE C 85 -14.27 12.63 -12.82
CA ILE C 85 -13.63 13.90 -13.13
C ILE C 85 -12.33 13.65 -13.92
N GLN C 86 -11.75 12.47 -13.74
CA GLN C 86 -10.46 12.09 -14.30
C GLN C 86 -10.66 11.39 -15.63
N ASN C 87 -11.71 10.57 -15.74
CA ASN C 87 -11.83 9.60 -16.83
C ASN C 87 -13.01 9.87 -17.78
N ASN C 88 -13.95 10.75 -17.40
CA ASN C 88 -15.17 10.97 -18.17
C ASN C 88 -15.75 12.34 -17.81
N PRO C 89 -14.97 13.45 -17.82
CA PRO C 89 -15.38 14.69 -17.14
C PRO C 89 -16.49 15.49 -17.83
N HIS C 90 -16.54 15.37 -19.17
CA HIS C 90 -17.37 16.24 -19.98
C HIS C 90 -18.51 15.43 -20.57
N ALA C 91 -18.88 14.33 -19.91
CA ALA C 91 -19.95 13.45 -20.36
C ALA C 91 -21.31 14.05 -19.98
N SER C 92 -22.34 13.18 -19.88
CA SER C 92 -23.73 13.59 -19.70
C SER C 92 -24.23 13.32 -18.27
N TYR C 93 -24.81 12.13 -18.03
CA TYR C 93 -25.51 11.80 -16.79
C TYR C 93 -26.25 13.04 -16.26
S SO4 D . -20.27 -5.76 -0.93
O1 SO4 D . -20.12 -5.74 0.51
O2 SO4 D . -19.21 -6.53 -1.51
O3 SO4 D . -21.54 -6.34 -1.28
O4 SO4 D . -20.21 -4.41 -1.43
S SO4 E . -17.58 -15.10 -10.42
O1 SO4 E . -17.14 -16.26 -9.69
O2 SO4 E . -17.16 -15.19 -11.79
O3 SO4 E . -19.02 -15.00 -10.35
O4 SO4 E . -17.02 -13.92 -9.83
C1 EDO F . 0.63 -1.91 1.44
O1 EDO F . 1.70 -0.93 1.44
C2 EDO F . 1.00 -3.35 1.35
O2 EDO F . 1.86 -3.68 0.28
S SO4 G . -15.42 2.89 -2.90
O1 SO4 G . -13.99 2.78 -2.81
O2 SO4 G . -16.02 2.27 -1.75
O3 SO4 G . -15.79 4.29 -2.95
O4 SO4 G . -15.88 2.22 -4.09
S SO4 H . 14.61 -18.09 2.92
O1 SO4 H . 15.47 -17.77 4.04
O2 SO4 H . 14.02 -19.39 3.13
O3 SO4 H . 13.51 -17.13 2.77
O4 SO4 H . 15.46 -18.08 1.74
S SO4 I . 4.48 -12.14 18.84
O1 SO4 I . 5.25 -10.98 19.21
O2 SO4 I . 3.61 -12.52 19.92
O3 SO4 I . 3.70 -11.82 17.68
O4 SO4 I . 5.37 -13.24 18.54
N1 A1A3U J . 14.97 -10.17 10.83
C4 A1A3U J . 11.05 -6.11 9.70
C5 A1A3U J . 14.01 -8.14 11.72
C6 A1A3U J . 13.15 -8.90 12.49
C7 A1A3U J . 13.24 -10.28 12.47
C8 A1A3U J . 14.17 -10.87 11.64
C A1A3U J . 14.48 -6.12 13.24
C1 A1A3U J . 14.11 -6.62 11.84
N A1A3U J . 12.95 -5.86 11.36
C2 A1A3U J . 11.78 -6.62 10.89
C3 A1A3U J . 11.86 -7.35 9.59
C9 A1A3U J . 14.87 -8.84 10.88
S SO4 K . -16.14 23.51 7.27
O1 SO4 K . -14.85 24.08 7.53
O2 SO4 K . -15.99 22.10 7.02
O3 SO4 K . -17.00 23.70 8.42
O4 SO4 K . -16.72 24.16 6.12
N1 A1A3U L . -23.07 15.88 -3.82
C4 A1A3U L . -25.66 19.29 -3.39
C5 A1A3U L . -24.17 16.76 -1.86
C6 A1A3U L . -22.97 17.37 -1.49
C7 A1A3U L . -21.83 17.18 -2.25
C8 A1A3U L . -21.93 16.42 -3.39
C A1A3U L . -25.94 15.51 -0.52
C1 A1A3U L . -25.41 16.87 -0.99
N A1A3U L . -26.50 17.57 -1.69
C2 A1A3U L . -26.25 18.99 -2.05
C3 A1A3U L . -27.10 19.58 -3.11
C9 A1A3U L . -24.15 16.05 -3.05
#